data_6H8S
#
_entry.id   6H8S
#
_cell.length_a   59.303
_cell.length_b   59.303
_cell.length_c   181.641
_cell.angle_alpha   90.00
_cell.angle_beta   90.00
_cell.angle_gamma   90.00
#
_symmetry.space_group_name_H-M   'P 41 21 2'
#
loop_
_entity.id
_entity.type
_entity.pdbx_description
1 polymer 'Tyrosine-protein phosphatase non-receptor type 5'
2 non-polymer 1-[3-piperidin-4-yl-5-(trifluoromethyl)phenyl]guanidine
3 water water
#
_entity_poly.entity_id   1
_entity_poly.type   'polypeptide(L)'
_entity_poly.pdbx_seq_one_letter_code
;GHMASSPREESAHEYLLSASRVLRAEELHEKALDPFLLQAEFFEIPMNFVDPKEYDIPGLVRKNRYKTILPNPHSRVRLT
SPDPEDPLSSYINANYIRGYSGEEKVYIATQGPIVSTVADFWRMVWQERTPIIVMITNIEEMNEKCTEYWPEEQVVHDGV
EITVQKVIHTEDYRLRLISLRRGTEERTLKHYWFTSWPDQKTPDRAPPLLHLVREVEEAAQQEGPHCSPIIVHCSAGIGR
TGCFIATSICCQQLRREGVVDILKTTCQLRQDRGGMIQTCEQYQFVHHAMSLYEKQLSHQS
;
_entity_poly.pdbx_strand_id   A
#
# COMPACT_ATOMS: atom_id res chain seq x y z
N SER A 11 -24.46 1.09 9.23
CA SER A 11 -24.82 0.12 8.20
C SER A 11 -23.69 -0.05 7.16
N ALA A 12 -22.63 0.77 7.28
CA ALA A 12 -21.46 0.75 6.41
C ALA A 12 -20.68 -0.56 6.53
N HIS A 13 -20.52 -1.07 7.78
CA HIS A 13 -19.81 -2.33 8.04
C HIS A 13 -20.44 -3.51 7.32
N GLU A 14 -21.79 -3.62 7.35
N GLU A 14 -21.78 -3.61 7.35
CA GLU A 14 -22.53 -4.70 6.70
CA GLU A 14 -22.52 -4.69 6.70
C GLU A 14 -22.46 -4.61 5.17
C GLU A 14 -22.46 -4.60 5.17
N TYR A 15 -22.46 -3.37 4.62
CA TYR A 15 -22.34 -3.13 3.17
C TYR A 15 -20.96 -3.64 2.71
N LEU A 16 -19.88 -3.23 3.42
CA LEU A 16 -18.52 -3.63 3.12
C LEU A 16 -18.29 -5.14 3.24
N LEU A 17 -19.04 -5.83 4.13
CA LEU A 17 -18.90 -7.28 4.30
C LEU A 17 -19.48 -8.08 3.13
N SER A 18 -20.56 -7.56 2.51
CA SER A 18 -21.32 -8.24 1.47
C SER A 18 -21.14 -7.74 0.02
N ALA A 19 -20.70 -6.49 -0.20
CA ALA A 19 -20.55 -5.93 -1.55
C ALA A 19 -19.59 -6.73 -2.42
N SER A 20 -20.08 -7.14 -3.60
CA SER A 20 -19.34 -7.99 -4.54
C SER A 20 -19.79 -7.77 -5.99
N ARG A 21 -18.83 -7.77 -6.93
CA ARG A 21 -19.08 -7.65 -8.36
C ARG A 21 -18.03 -8.46 -9.11
N VAL A 22 -18.26 -9.77 -9.22
CA VAL A 22 -17.34 -10.68 -9.89
C VAL A 22 -17.28 -10.34 -11.38
N LEU A 23 -16.09 -10.08 -11.90
CA LEU A 23 -15.88 -9.76 -13.30
C LEU A 23 -15.10 -10.85 -14.02
N ARG A 24 -15.66 -11.33 -15.13
CA ARG A 24 -15.00 -12.27 -16.03
C ARG A 24 -14.20 -11.40 -17.01
N ALA A 25 -13.30 -12.00 -17.81
CA ALA A 25 -12.42 -11.33 -18.76
C ALA A 25 -13.09 -10.26 -19.66
N GLU A 26 -14.14 -10.64 -20.43
CA GLU A 26 -14.88 -9.75 -21.33
C GLU A 26 -15.55 -8.57 -20.60
N GLU A 27 -16.14 -8.84 -19.42
CA GLU A 27 -16.78 -7.83 -18.58
C GLU A 27 -15.74 -6.85 -18.05
N LEU A 28 -14.54 -7.36 -17.70
CA LEU A 28 -13.42 -6.57 -17.17
C LEU A 28 -12.88 -5.51 -18.15
N HIS A 29 -12.64 -5.89 -19.42
N HIS A 29 -12.65 -5.90 -19.42
CA HIS A 29 -12.14 -4.95 -20.42
CA HIS A 29 -12.16 -5.00 -20.48
C HIS A 29 -13.14 -3.82 -20.66
C HIS A 29 -13.13 -3.84 -20.68
N GLU A 30 -14.43 -4.15 -20.77
CA GLU A 30 -15.52 -3.17 -20.95
C GLU A 30 -15.70 -2.30 -19.71
N LYS A 31 -15.72 -2.92 -18.52
CA LYS A 31 -15.90 -2.23 -17.23
C LYS A 31 -14.83 -1.14 -17.04
N ALA A 32 -13.55 -1.45 -17.36
CA ALA A 32 -12.43 -0.49 -17.23
C ALA A 32 -12.67 0.79 -18.04
N LEU A 33 -13.40 0.67 -19.15
CA LEU A 33 -13.72 1.77 -20.06
C LEU A 33 -15.17 2.23 -19.92
N ASP A 34 -15.78 2.02 -18.74
CA ASP A 34 -17.17 2.38 -18.49
C ASP A 34 -17.33 3.34 -17.30
N PRO A 35 -17.12 4.67 -17.47
CA PRO A 35 -17.28 5.59 -16.33
C PRO A 35 -18.69 5.63 -15.74
N PHE A 36 -19.74 5.36 -16.56
CA PHE A 36 -21.13 5.32 -16.08
C PHE A 36 -21.27 4.25 -14.99
N LEU A 37 -20.84 3.01 -15.26
CA LEU A 37 -20.91 1.91 -14.29
C LEU A 37 -19.91 2.07 -13.16
N LEU A 38 -18.71 2.56 -13.46
CA LEU A 38 -17.66 2.77 -12.46
C LEU A 38 -18.05 3.78 -11.41
N GLN A 39 -18.59 4.96 -11.82
CA GLN A 39 -19.02 6.03 -10.89
C GLN A 39 -20.15 5.58 -9.98
N ALA A 40 -21.18 4.94 -10.53
CA ALA A 40 -22.33 4.46 -9.74
C ALA A 40 -21.86 3.46 -8.67
N GLU A 41 -20.97 2.55 -9.05
CA GLU A 41 -20.42 1.55 -8.16
C GLU A 41 -19.53 2.19 -7.09
N PHE A 42 -18.56 3.03 -7.50
CA PHE A 42 -17.63 3.69 -6.59
C PHE A 42 -18.28 4.56 -5.51
N PHE A 43 -19.21 5.45 -5.89
CA PHE A 43 -19.84 6.39 -4.96
C PHE A 43 -20.82 5.73 -3.96
N GLU A 44 -21.10 4.43 -4.13
CA GLU A 44 -21.94 3.64 -3.26
C GLU A 44 -21.11 3.02 -2.11
N ILE A 45 -19.77 2.90 -2.31
CA ILE A 45 -18.88 2.32 -1.29
C ILE A 45 -18.64 3.31 -0.12
N PRO A 46 -18.96 2.93 1.14
CA PRO A 46 -18.65 3.82 2.27
C PRO A 46 -17.12 3.91 2.44
N MET A 47 -16.64 5.11 2.81
CA MET A 47 -15.21 5.35 3.01
C MET A 47 -14.69 4.66 4.26
N ASN A 48 -15.56 4.48 5.28
CA ASN A 48 -15.20 3.88 6.57
C ASN A 48 -14.10 4.68 7.28
N PHE A 49 -14.15 6.03 7.17
CA PHE A 49 -13.22 6.90 7.87
C PHE A 49 -13.45 6.76 9.36
N VAL A 50 -12.37 6.83 10.13
CA VAL A 50 -12.38 6.72 11.59
C VAL A 50 -13.06 7.95 12.18
N ASP A 51 -14.03 7.77 13.09
CA ASP A 51 -14.64 8.88 13.82
C ASP A 51 -13.49 9.51 14.66
N PRO A 52 -13.18 10.82 14.51
CA PRO A 52 -12.06 11.41 15.28
C PRO A 52 -12.11 11.24 16.80
N LYS A 53 -13.30 10.91 17.37
CA LYS A 53 -13.47 10.65 18.80
C LYS A 53 -12.60 9.49 19.28
N GLU A 54 -12.17 8.60 18.36
CA GLU A 54 -11.32 7.46 18.68
C GLU A 54 -9.88 7.88 19.07
N TYR A 55 -9.47 9.12 18.74
CA TYR A 55 -8.11 9.59 19.00
C TYR A 55 -8.03 10.97 19.62
N ASP A 56 -6.91 11.24 20.31
CA ASP A 56 -6.66 12.56 20.90
C ASP A 56 -6.01 13.40 19.77
N ILE A 57 -6.86 13.89 18.85
CA ILE A 57 -6.49 14.67 17.66
C ILE A 57 -5.52 15.83 18.01
N PRO A 58 -5.80 16.69 19.03
CA PRO A 58 -4.85 17.78 19.35
C PRO A 58 -3.43 17.36 19.72
N GLY A 59 -3.29 16.19 20.34
CA GLY A 59 -1.99 15.67 20.78
C GLY A 59 -1.21 14.94 19.72
N LEU A 60 -1.88 14.50 18.63
CA LEU A 60 -1.25 13.74 17.55
C LEU A 60 -0.89 14.54 16.30
N VAL A 61 -1.03 15.87 16.33
CA VAL A 61 -0.78 16.77 15.18
C VAL A 61 0.59 16.57 14.50
N ARG A 62 1.63 16.20 15.27
CA ARG A 62 2.98 15.98 14.75
C ARG A 62 3.20 14.58 14.14
N LYS A 63 2.24 13.65 14.35
CA LYS A 63 2.35 12.27 13.86
C LYS A 63 1.41 11.99 12.70
N ASN A 64 0.38 12.84 12.52
CA ASN A 64 -0.61 12.68 11.45
C ASN A 64 -0.47 13.78 10.41
N ARG A 65 -0.34 13.38 9.13
CA ARG A 65 -0.25 14.32 8.01
C ARG A 65 -1.56 15.07 7.82
N TYR A 66 -2.70 14.39 8.04
CA TYR A 66 -4.06 14.92 7.89
C TYR A 66 -4.90 14.49 9.10
N LYS A 67 -5.60 15.43 9.74
CA LYS A 67 -6.43 15.13 10.93
C LYS A 67 -7.61 14.18 10.66
N THR A 68 -8.13 14.12 9.41
CA THR A 68 -9.26 13.25 9.08
C THR A 68 -8.83 11.84 8.61
N ILE A 69 -7.52 11.65 8.31
CA ILE A 69 -7.00 10.34 7.89
C ILE A 69 -6.31 9.70 9.10
N LEU A 70 -7.04 8.82 9.79
CA LEU A 70 -6.57 8.16 11.01
C LEU A 70 -6.55 6.64 10.86
N PRO A 71 -5.69 5.91 11.60
CA PRO A 71 -5.70 4.45 11.47
C PRO A 71 -6.87 3.82 12.23
N ASN A 72 -7.64 2.95 11.57
CA ASN A 72 -8.76 2.26 12.22
C ASN A 72 -8.18 1.49 13.42
N PRO A 73 -8.68 1.75 14.64
CA PRO A 73 -8.07 1.15 15.83
C PRO A 73 -7.85 -0.36 15.81
N HIS A 74 -8.82 -1.14 15.28
CA HIS A 74 -8.77 -2.60 15.26
C HIS A 74 -7.60 -3.19 14.46
N SER A 75 -7.14 -2.48 13.43
CA SER A 75 -6.06 -2.97 12.55
C SER A 75 -4.78 -2.12 12.65
N ARG A 76 -4.77 -1.15 13.58
CA ARG A 76 -3.66 -0.23 13.81
C ARG A 76 -2.35 -0.99 14.11
N VAL A 77 -1.23 -0.51 13.53
CA VAL A 77 0.08 -1.10 13.79
C VAL A 77 0.60 -0.42 15.08
N ARG A 78 0.69 -1.19 16.16
CA ARG A 78 1.20 -0.67 17.44
C ARG A 78 2.69 -0.89 17.47
N LEU A 79 3.46 0.14 17.89
CA LEU A 79 4.91 0.01 17.99
C LEU A 79 5.26 -0.39 19.41
N THR A 80 5.59 -1.68 19.59
CA THR A 80 5.84 -2.32 20.89
C THR A 80 7.22 -2.03 21.53
N SER A 81 8.22 -1.49 20.78
CA SER A 81 9.55 -1.18 21.33
C SER A 81 9.47 -0.12 22.46
N PRO A 82 9.95 -0.43 23.68
CA PRO A 82 9.81 0.52 24.80
C PRO A 82 10.58 1.84 24.68
N ASP A 83 9.97 2.90 25.24
CA ASP A 83 10.49 4.27 25.37
C ASP A 83 9.59 5.01 26.39
N PRO A 84 9.83 4.84 27.71
CA PRO A 84 8.95 5.51 28.72
C PRO A 84 8.91 7.03 28.67
N GLU A 85 9.98 7.68 28.14
CA GLU A 85 10.08 9.14 28.01
C GLU A 85 9.10 9.72 27.00
N ASP A 86 8.87 9.01 25.87
CA ASP A 86 7.95 9.46 24.83
C ASP A 86 6.58 8.76 24.91
N PRO A 87 5.50 9.49 25.23
CA PRO A 87 4.17 8.86 25.29
C PRO A 87 3.58 8.52 23.93
N LEU A 88 4.18 9.04 22.83
CA LEU A 88 3.71 8.80 21.45
C LEU A 88 4.58 7.78 20.67
N SER A 89 5.58 7.15 21.35
CA SER A 89 6.48 6.15 20.75
C SER A 89 5.77 4.89 20.21
N SER A 90 4.58 4.58 20.75
N SER A 90 4.57 4.57 20.75
CA SER A 90 3.76 3.43 20.36
CA SER A 90 3.80 3.41 20.32
C SER A 90 2.84 3.72 19.17
C SER A 90 2.86 3.71 19.13
N TYR A 91 2.71 5.00 18.78
CA TYR A 91 1.82 5.44 17.70
C TYR A 91 2.49 5.69 16.34
N ILE A 92 1.84 5.19 15.29
CA ILE A 92 2.20 5.43 13.89
C ILE A 92 0.91 5.39 13.09
N ASN A 93 0.77 6.28 12.11
CA ASN A 93 -0.42 6.27 11.26
C ASN A 93 -0.24 5.16 10.21
N ALA A 94 -0.58 3.92 10.60
CA ALA A 94 -0.42 2.72 9.77
C ALA A 94 -1.43 1.67 10.17
N ASN A 95 -1.82 0.82 9.20
CA ASN A 95 -2.72 -0.30 9.46
C ASN A 95 -2.24 -1.54 8.79
N TYR A 96 -2.52 -2.71 9.43
CA TYR A 96 -2.31 -4.01 8.82
C TYR A 96 -3.42 -4.16 7.79
N ILE A 97 -3.09 -4.71 6.63
CA ILE A 97 -4.01 -4.90 5.52
C ILE A 97 -4.04 -6.37 5.14
N ARG A 98 -5.25 -6.93 5.07
CA ARG A 98 -5.44 -8.31 4.62
C ARG A 98 -5.14 -8.39 3.14
N GLY A 99 -4.63 -9.53 2.70
CA GLY A 99 -4.30 -9.75 1.30
C GLY A 99 -5.28 -10.66 0.60
N TYR A 100 -4.77 -11.39 -0.40
CA TYR A 100 -5.57 -12.34 -1.15
C TYR A 100 -6.18 -13.40 -0.23
N SER A 101 -7.48 -13.70 -0.45
CA SER A 101 -8.29 -14.66 0.30
C SER A 101 -8.46 -14.25 1.80
N GLY A 102 -8.32 -12.96 2.07
CA GLY A 102 -8.44 -12.40 3.41
C GLY A 102 -7.33 -12.77 4.37
N GLU A 103 -6.17 -13.24 3.86
CA GLU A 103 -5.00 -13.58 4.69
C GLU A 103 -4.55 -12.34 5.48
N GLU A 104 -4.38 -12.50 6.78
CA GLU A 104 -4.01 -11.42 7.70
C GLU A 104 -2.60 -10.91 7.49
N LYS A 105 -2.41 -9.59 7.72
CA LYS A 105 -1.13 -8.89 7.74
C LYS A 105 -0.24 -9.08 6.50
N VAL A 106 -0.85 -9.17 5.31
CA VAL A 106 -0.05 -9.33 4.08
C VAL A 106 0.67 -8.00 3.76
N TYR A 107 0.00 -6.86 4.05
CA TYR A 107 0.56 -5.53 3.81
C TYR A 107 0.37 -4.63 5.02
N ILE A 108 1.08 -3.50 5.04
CA ILE A 108 0.94 -2.40 5.96
C ILE A 108 0.78 -1.17 5.07
N ALA A 109 -0.34 -0.45 5.20
CA ALA A 109 -0.56 0.80 4.48
C ALA A 109 -0.28 1.88 5.49
N THR A 110 0.60 2.83 5.14
CA THR A 110 0.99 3.91 6.05
C THR A 110 1.21 5.18 5.25
N GLN A 111 1.16 6.32 5.92
CA GLN A 111 1.41 7.62 5.30
C GLN A 111 2.92 7.71 5.01
N GLY A 112 3.28 8.54 4.03
CA GLY A 112 4.68 8.78 3.71
C GLY A 112 5.31 9.41 4.93
N PRO A 113 6.47 8.90 5.40
CA PRO A 113 7.07 9.48 6.62
C PRO A 113 7.32 10.98 6.52
N ILE A 114 7.21 11.66 7.66
CA ILE A 114 7.48 13.09 7.79
C ILE A 114 8.72 13.22 8.68
N VAL A 115 9.36 14.40 8.72
CA VAL A 115 10.57 14.68 9.52
C VAL A 115 10.46 14.07 10.94
N SER A 116 9.32 14.29 11.62
CA SER A 116 9.04 13.81 12.97
C SER A 116 8.65 12.32 13.10
N THR A 117 8.47 11.59 11.97
CA THR A 117 8.07 10.17 12.00
C THR A 117 9.09 9.21 11.32
N VAL A 118 10.21 9.72 10.79
CA VAL A 118 11.27 8.93 10.13
C VAL A 118 11.74 7.77 11.06
N ALA A 119 12.06 8.08 12.32
CA ALA A 119 12.52 7.09 13.30
C ALA A 119 11.42 6.07 13.61
N ASP A 120 10.16 6.53 13.75
CA ASP A 120 8.99 5.67 13.99
C ASP A 120 8.83 4.68 12.84
N PHE A 121 8.96 5.18 11.59
CA PHE A 121 8.87 4.37 10.35
C PHE A 121 9.89 3.23 10.38
N TRP A 122 11.17 3.53 10.70
CA TRP A 122 12.22 2.51 10.76
C TRP A 122 12.02 1.53 11.94
N ARG A 123 11.40 1.98 13.06
CA ARG A 123 11.09 1.07 14.16
C ARG A 123 10.00 0.08 13.72
N MET A 124 9.06 0.53 12.87
CA MET A 124 8.01 -0.33 12.31
C MET A 124 8.62 -1.37 11.36
N VAL A 125 9.56 -0.93 10.48
CA VAL A 125 10.29 -1.79 9.54
C VAL A 125 10.99 -2.93 10.30
N TRP A 126 11.66 -2.61 11.40
CA TRP A 126 12.35 -3.60 12.22
C TRP A 126 11.38 -4.51 12.98
N GLN A 127 10.43 -3.92 13.72
CA GLN A 127 9.43 -4.69 14.48
C GLN A 127 8.73 -5.73 13.62
N GLU A 128 8.29 -5.33 12.42
CA GLU A 128 7.51 -6.17 11.52
C GLU A 128 8.31 -7.13 10.65
N ARG A 129 9.66 -7.02 10.67
CA ARG A 129 10.57 -7.83 9.83
C ARG A 129 10.19 -7.65 8.34
N THR A 130 9.78 -6.42 7.98
CA THR A 130 9.33 -6.08 6.63
C THR A 130 10.40 -6.40 5.57
N PRO A 131 10.09 -7.27 4.58
CA PRO A 131 11.11 -7.60 3.56
C PRO A 131 11.11 -6.68 2.34
N ILE A 132 9.99 -5.99 2.08
CA ILE A 132 9.78 -5.13 0.91
C ILE A 132 9.02 -3.88 1.33
N ILE A 133 9.47 -2.73 0.82
CA ILE A 133 8.79 -1.44 0.99
C ILE A 133 8.48 -0.95 -0.43
N VAL A 134 7.26 -0.48 -0.65
CA VAL A 134 6.81 0.08 -1.92
C VAL A 134 6.44 1.54 -1.65
N MET A 135 7.20 2.46 -2.25
CA MET A 135 7.00 3.89 -2.12
C MET A 135 6.45 4.42 -3.46
N ILE A 136 5.24 5.03 -3.45
CA ILE A 136 4.57 5.51 -4.67
C ILE A 136 4.56 7.04 -4.74
N THR A 137 5.39 7.60 -5.64
CA THR A 137 5.50 9.05 -5.82
C THR A 137 5.69 9.48 -7.28
N ASN A 138 6.19 10.73 -7.39
CA ASN A 138 6.69 11.52 -8.50
C ASN A 138 7.96 12.16 -7.89
N ILE A 139 9.00 12.47 -8.69
CA ILE A 139 10.23 13.07 -8.14
C ILE A 139 9.97 14.54 -7.70
N GLU A 140 9.04 15.27 -8.36
CA GLU A 140 8.70 16.66 -8.02
C GLU A 140 7.98 16.80 -6.66
N GLU A 141 7.41 15.69 -6.15
CA GLU A 141 6.69 15.63 -4.87
C GLU A 141 7.63 15.42 -3.68
N MET A 142 8.90 15.05 -3.95
CA MET A 142 9.90 14.76 -2.93
C MET A 142 10.17 15.90 -1.98
N ASN A 143 10.37 15.54 -0.69
CA ASN A 143 10.58 16.42 0.46
C ASN A 143 9.27 17.16 0.85
N GLU A 144 8.14 16.80 0.18
CA GLU A 144 6.81 17.40 0.38
C GLU A 144 5.73 16.33 0.63
N LYS A 145 5.44 15.47 -0.38
CA LYS A 145 4.48 14.36 -0.26
C LYS A 145 5.10 13.15 0.45
N CYS A 146 6.45 13.09 0.46
CA CYS A 146 7.28 12.09 1.15
C CYS A 146 8.72 12.55 1.23
N THR A 147 9.30 12.44 2.44
CA THR A 147 10.68 12.78 2.70
C THR A 147 11.61 11.62 2.31
N GLU A 148 12.93 11.91 2.17
CA GLU A 148 13.91 10.88 1.87
C GLU A 148 14.36 10.34 3.22
N TYR A 149 13.67 9.28 3.67
CA TYR A 149 13.87 8.68 4.98
C TYR A 149 15.03 7.68 5.04
N TRP A 150 15.61 7.34 3.87
CA TRP A 150 16.75 6.41 3.77
C TRP A 150 18.05 7.22 3.66
N PRO A 151 19.20 6.69 4.13
CA PRO A 151 20.47 7.44 3.97
C PRO A 151 21.01 7.31 2.54
N GLU A 152 22.00 8.15 2.20
CA GLU A 152 22.68 8.09 0.92
C GLU A 152 23.51 6.81 0.91
N GLU A 153 24.11 6.48 2.06
CA GLU A 153 24.91 5.27 2.25
C GLU A 153 24.53 4.55 3.54
N GLN A 154 24.75 5.21 4.71
CA GLN A 154 24.49 4.62 6.03
C GLN A 154 24.07 5.64 7.09
N VAL A 155 23.15 5.21 7.97
CA VAL A 155 22.62 5.97 9.12
C VAL A 155 22.20 4.99 10.24
N VAL A 156 22.12 5.47 11.49
CA VAL A 156 21.70 4.67 12.64
C VAL A 156 20.44 5.33 13.26
N HIS A 157 19.33 4.56 13.35
CA HIS A 157 18.05 4.99 13.94
C HIS A 157 17.66 3.99 15.04
N ASP A 158 17.59 4.42 16.31
CA ASP A 158 17.20 3.58 17.47
C ASP A 158 18.13 2.36 17.63
N GLY A 159 19.43 2.60 17.44
CA GLY A 159 20.45 1.54 17.49
C GLY A 159 20.39 0.57 16.33
N VAL A 160 19.60 0.90 15.28
CA VAL A 160 19.46 0.10 14.06
C VAL A 160 20.28 0.75 12.94
N GLU A 161 21.33 0.04 12.49
CA GLU A 161 22.19 0.46 11.39
C GLU A 161 21.48 0.15 10.07
N ILE A 162 21.17 1.21 9.31
CA ILE A 162 20.51 1.13 8.00
C ILE A 162 21.54 1.49 6.92
N THR A 163 21.81 0.54 6.00
CA THR A 163 22.79 0.73 4.93
C THR A 163 22.18 0.44 3.56
N VAL A 164 22.35 1.38 2.60
CA VAL A 164 21.92 1.20 1.22
C VAL A 164 23.12 0.52 0.53
N GLN A 165 22.97 -0.77 0.21
CA GLN A 165 24.04 -1.57 -0.39
C GLN A 165 24.13 -1.39 -1.90
N LYS A 166 22.98 -1.20 -2.57
CA LYS A 166 22.91 -1.06 -4.03
C LYS A 166 21.69 -0.25 -4.44
N VAL A 167 21.82 0.52 -5.52
CA VAL A 167 20.74 1.30 -6.13
C VAL A 167 20.63 0.80 -7.58
N ILE A 168 19.47 0.19 -7.91
CA ILE A 168 19.18 -0.35 -9.25
C ILE A 168 18.13 0.55 -9.88
N HIS A 169 18.56 1.29 -10.91
CA HIS A 169 17.70 2.22 -11.64
C HIS A 169 17.00 1.52 -12.79
N THR A 170 15.67 1.61 -12.84
CA THR A 170 14.85 1.12 -13.95
C THR A 170 14.06 2.33 -14.45
N GLU A 171 13.38 2.20 -15.59
CA GLU A 171 12.59 3.27 -16.20
C GLU A 171 11.52 3.87 -15.27
N ASP A 172 10.81 3.01 -14.52
CA ASP A 172 9.69 3.48 -13.69
C ASP A 172 9.88 3.35 -12.17
N TYR A 173 11.00 2.75 -11.72
CA TYR A 173 11.30 2.64 -10.30
C TYR A 173 12.80 2.55 -10.03
N ARG A 174 13.20 2.90 -8.80
CA ARG A 174 14.56 2.77 -8.30
C ARG A 174 14.47 1.75 -7.19
N LEU A 175 15.20 0.64 -7.33
CA LEU A 175 15.22 -0.42 -6.34
C LEU A 175 16.48 -0.32 -5.48
N ARG A 176 16.29 -0.19 -4.18
CA ARG A 176 17.37 -0.14 -3.21
C ARG A 176 17.45 -1.43 -2.42
N LEU A 177 18.66 -2.00 -2.33
CA LEU A 177 18.90 -3.20 -1.54
C LEU A 177 19.48 -2.68 -0.24
N ILE A 178 18.74 -2.85 0.85
CA ILE A 178 19.08 -2.30 2.15
C ILE A 178 19.39 -3.38 3.17
N SER A 179 20.43 -3.15 3.98
CA SER A 179 20.75 -4.03 5.09
C SER A 179 20.35 -3.32 6.39
N LEU A 180 19.81 -4.09 7.35
N LEU A 180 19.81 -4.08 7.35
CA LEU A 180 19.39 -3.62 8.67
CA LEU A 180 19.40 -3.59 8.66
C LEU A 180 20.11 -4.43 9.73
C LEU A 180 20.10 -4.42 9.72
N ARG A 181 20.74 -3.74 10.70
CA ARG A 181 21.49 -4.39 11.79
C ARG A 181 21.20 -3.78 13.14
N ARG A 182 20.91 -4.63 14.13
CA ARG A 182 20.72 -4.28 15.55
C ARG A 182 21.15 -5.48 16.38
N GLY A 183 22.17 -5.27 17.22
CA GLY A 183 22.73 -6.30 18.08
C GLY A 183 23.42 -7.39 17.29
N THR A 184 22.96 -8.62 17.47
CA THR A 184 23.51 -9.78 16.76
C THR A 184 22.74 -10.08 15.47
N GLU A 185 21.60 -9.39 15.26
CA GLU A 185 20.72 -9.59 14.10
C GLU A 185 21.06 -8.77 12.87
N GLU A 186 21.01 -9.42 11.69
CA GLU A 186 21.23 -8.82 10.37
C GLU A 186 20.11 -9.23 9.42
N ARG A 187 19.49 -8.24 8.75
CA ARG A 187 18.39 -8.45 7.82
C ARG A 187 18.59 -7.72 6.50
N THR A 188 17.81 -8.12 5.48
CA THR A 188 17.83 -7.50 4.16
C THR A 188 16.44 -6.94 3.85
N LEU A 189 16.40 -5.94 2.97
CA LEU A 189 15.18 -5.26 2.58
C LEU A 189 15.29 -4.82 1.13
N LYS A 190 14.17 -4.91 0.40
CA LYS A 190 14.02 -4.42 -0.97
C LYS A 190 13.15 -3.16 -0.90
N HIS A 191 13.68 -2.02 -1.36
CA HIS A 191 12.94 -0.77 -1.35
C HIS A 191 12.66 -0.32 -2.78
N TYR A 192 11.39 -0.38 -3.20
CA TYR A 192 10.95 0.02 -4.53
C TYR A 192 10.40 1.44 -4.49
N TRP A 193 11.11 2.36 -5.13
CA TRP A 193 10.68 3.75 -5.21
C TRP A 193 10.07 3.97 -6.62
N PHE A 194 8.74 3.81 -6.74
CA PHE A 194 8.01 4.01 -7.99
C PHE A 194 7.88 5.51 -8.26
N THR A 195 8.38 5.95 -9.41
CA THR A 195 8.39 7.38 -9.76
C THR A 195 7.43 7.73 -10.92
N SER A 196 6.66 6.74 -11.39
CA SER A 196 5.77 6.96 -12.54
C SER A 196 4.26 6.95 -12.21
N TRP A 197 3.87 7.44 -11.00
CA TRP A 197 2.45 7.58 -10.66
C TRP A 197 1.94 8.73 -11.56
N PRO A 198 0.91 8.49 -12.39
CA PRO A 198 0.50 9.53 -13.36
C PRO A 198 -0.44 10.61 -12.87
N ASP A 199 -0.36 11.81 -13.50
CA ASP A 199 -1.25 12.94 -13.20
C ASP A 199 -2.65 12.56 -13.68
N GLN A 200 -2.73 11.96 -14.88
CA GLN A 200 -3.96 11.48 -15.51
C GLN A 200 -3.90 9.95 -15.59
N LYS A 201 -4.87 9.28 -14.98
CA LYS A 201 -4.95 7.82 -14.86
C LYS A 201 -5.53 7.14 -16.11
N THR A 202 -4.93 7.42 -17.27
CA THR A 202 -5.31 6.88 -18.57
C THR A 202 -4.77 5.44 -18.72
N PRO A 203 -5.37 4.58 -19.60
CA PRO A 203 -4.85 3.20 -19.74
C PRO A 203 -3.39 3.07 -20.15
N ASP A 204 -2.84 4.04 -20.92
CA ASP A 204 -1.45 4.03 -21.38
C ASP A 204 -0.45 4.23 -20.25
N ARG A 205 -0.92 4.69 -19.07
CA ARG A 205 -0.10 4.89 -17.89
C ARG A 205 -0.21 3.72 -16.90
N ALA A 206 -1.06 2.73 -17.19
CA ALA A 206 -1.22 1.55 -16.31
C ALA A 206 -0.06 0.54 -16.36
N PRO A 207 0.62 0.29 -17.52
CA PRO A 207 1.68 -0.74 -17.54
C PRO A 207 2.79 -0.60 -16.48
N PRO A 208 3.38 0.60 -16.19
CA PRO A 208 4.41 0.67 -15.13
C PRO A 208 3.90 0.23 -13.75
N LEU A 209 2.64 0.58 -13.41
CA LEU A 209 2.05 0.19 -12.13
C LEU A 209 1.88 -1.33 -12.08
N LEU A 210 1.31 -1.93 -13.14
CA LEU A 210 1.15 -3.38 -13.16
C LEU A 210 2.50 -4.09 -13.09
N HIS A 211 3.50 -3.60 -13.83
CA HIS A 211 4.83 -4.18 -13.85
C HIS A 211 5.45 -4.16 -12.45
N LEU A 212 5.31 -3.04 -11.70
CA LEU A 212 5.83 -2.92 -10.34
C LEU A 212 5.12 -3.93 -9.42
N VAL A 213 3.77 -4.03 -9.55
CA VAL A 213 2.95 -4.96 -8.76
C VAL A 213 3.47 -6.40 -8.96
N ARG A 214 3.71 -6.80 -10.22
CA ARG A 214 4.17 -8.13 -10.56
C ARG A 214 5.60 -8.40 -10.13
N GLU A 215 6.50 -7.38 -10.25
CA GLU A 215 7.89 -7.49 -9.79
C GLU A 215 7.91 -7.70 -8.26
N VAL A 216 7.07 -6.93 -7.52
CA VAL A 216 6.94 -7.05 -6.07
C VAL A 216 6.40 -8.46 -5.69
N GLU A 217 5.40 -8.96 -6.44
CA GLU A 217 4.88 -10.31 -6.21
C GLU A 217 5.95 -11.39 -6.36
N GLU A 218 6.78 -11.29 -7.41
CA GLU A 218 7.86 -12.24 -7.65
C GLU A 218 8.91 -12.16 -6.55
N ALA A 219 9.18 -10.95 -6.03
CA ALA A 219 10.11 -10.74 -4.90
C ALA A 219 9.51 -11.33 -3.62
N ALA A 220 8.18 -11.23 -3.42
CA ALA A 220 7.50 -11.79 -2.25
C ALA A 220 7.54 -13.32 -2.29
N GLN A 221 7.37 -13.91 -3.49
CA GLN A 221 7.45 -15.36 -3.71
C GLN A 221 8.81 -15.87 -3.23
N GLN A 222 9.89 -15.10 -3.48
CA GLN A 222 11.26 -15.40 -3.09
C GLN A 222 11.47 -15.39 -1.58
N GLU A 223 10.51 -14.78 -0.82
CA GLU A 223 10.58 -14.75 0.66
C GLU A 223 10.14 -16.08 1.25
N GLY A 224 9.54 -16.92 0.40
CA GLY A 224 9.04 -18.24 0.76
C GLY A 224 7.70 -18.15 1.45
N PRO A 225 7.20 -19.24 2.06
CA PRO A 225 5.92 -19.14 2.78
C PRO A 225 6.12 -18.30 4.04
N HIS A 226 5.04 -17.67 4.54
CA HIS A 226 5.04 -16.83 5.74
C HIS A 226 5.79 -15.48 5.52
N CYS A 227 5.74 -14.93 4.28
CA CYS A 227 6.32 -13.62 3.92
C CYS A 227 5.77 -12.57 4.88
N SER A 228 6.67 -11.83 5.56
CA SER A 228 6.31 -10.78 6.53
C SER A 228 5.63 -9.58 5.85
N PRO A 229 4.95 -8.65 6.60
CA PRO A 229 4.19 -7.58 5.94
C PRO A 229 4.99 -6.67 5.02
N ILE A 230 4.41 -6.41 3.83
CA ILE A 230 5.00 -5.54 2.81
C ILE A 230 4.49 -4.13 3.08
N ILE A 231 5.39 -3.19 3.36
CA ILE A 231 4.96 -1.81 3.63
C ILE A 231 4.72 -1.08 2.32
N VAL A 232 3.54 -0.47 2.18
CA VAL A 232 3.16 0.31 1.01
C VAL A 232 2.81 1.70 1.51
N HIS A 233 3.42 2.74 0.93
CA HIS A 233 3.12 4.09 1.36
C HIS A 233 3.10 5.10 0.22
N CYS A 234 2.24 6.10 0.34
CA CYS A 234 2.18 7.20 -0.62
C CYS A 234 2.31 8.50 0.17
N SER A 235 1.31 9.37 0.20
CA SER A 235 1.35 10.59 0.99
C SER A 235 0.48 10.37 2.24
N ALA A 236 -0.85 10.18 2.05
CA ALA A 236 -1.79 9.93 3.14
C ALA A 236 -1.89 8.42 3.48
N GLY A 237 -1.38 7.59 2.59
CA GLY A 237 -1.36 6.14 2.74
C GLY A 237 -2.68 5.45 2.47
N ILE A 238 -3.52 6.05 1.61
CA ILE A 238 -4.82 5.48 1.26
C ILE A 238 -5.11 5.44 -0.26
N GLY A 239 -4.74 6.50 -0.98
CA GLY A 239 -5.04 6.64 -2.40
C GLY A 239 -4.24 5.73 -3.31
N ARG A 240 -3.00 6.13 -3.58
CA ARG A 240 -2.05 5.36 -4.41
C ARG A 240 -1.75 4.00 -3.76
N THR A 241 -1.69 3.97 -2.41
CA THR A 241 -1.44 2.77 -1.63
C THR A 241 -2.59 1.77 -1.87
N GLY A 242 -3.84 2.26 -1.81
CA GLY A 242 -5.03 1.46 -2.08
C GLY A 242 -4.99 0.88 -3.47
N CYS A 243 -4.56 1.68 -4.46
CA CYS A 243 -4.46 1.25 -5.87
C CYS A 243 -3.48 0.13 -6.05
N PHE A 244 -2.25 0.29 -5.49
CA PHE A 244 -1.20 -0.71 -5.57
C PHE A 244 -1.67 -2.04 -4.94
N ILE A 245 -2.20 -1.99 -3.71
CA ILE A 245 -2.61 -3.17 -2.96
C ILE A 245 -3.78 -3.90 -3.63
N ALA A 246 -4.81 -3.15 -4.11
CA ALA A 246 -5.96 -3.75 -4.79
C ALA A 246 -5.48 -4.48 -6.05
N THR A 247 -4.52 -3.86 -6.79
CA THR A 247 -3.96 -4.48 -8.01
C THR A 247 -3.22 -5.77 -7.65
N SER A 248 -2.43 -5.74 -6.55
N SER A 248 -2.43 -5.74 -6.57
CA SER A 248 -1.66 -6.87 -6.03
CA SER A 248 -1.65 -6.87 -6.06
C SER A 248 -2.53 -8.06 -5.68
C SER A 248 -2.55 -8.06 -5.70
N ILE A 249 -3.66 -7.80 -4.98
CA ILE A 249 -4.62 -8.84 -4.58
C ILE A 249 -5.38 -9.36 -5.79
N CYS A 250 -5.87 -8.44 -6.65
CA CYS A 250 -6.67 -8.85 -7.82
C CYS A 250 -5.85 -9.63 -8.86
N CYS A 251 -4.52 -9.41 -8.93
CA CYS A 251 -3.66 -10.18 -9.86
C CYS A 251 -3.67 -11.65 -9.45
N GLN A 252 -3.54 -11.92 -8.14
CA GLN A 252 -3.58 -13.27 -7.60
C GLN A 252 -4.94 -13.91 -7.85
N GLN A 253 -6.03 -13.15 -7.66
CA GLN A 253 -7.39 -13.66 -7.91
C GLN A 253 -7.60 -14.04 -9.38
N LEU A 254 -7.18 -13.16 -10.31
CA LEU A 254 -7.34 -13.42 -11.74
C LEU A 254 -6.52 -14.64 -12.16
N ARG A 255 -5.28 -14.72 -11.69
CA ARG A 255 -4.38 -15.82 -12.01
C ARG A 255 -4.87 -17.16 -11.47
N ARG A 256 -5.39 -17.21 -10.22
CA ARG A 256 -5.86 -18.45 -9.56
C ARG A 256 -7.34 -18.83 -9.78
N GLU A 257 -8.24 -17.84 -9.95
CA GLU A 257 -9.68 -18.10 -10.11
C GLU A 257 -10.23 -17.76 -11.50
N GLY A 258 -9.45 -17.03 -12.31
CA GLY A 258 -9.87 -16.62 -13.64
C GLY A 258 -10.88 -15.50 -13.68
N VAL A 259 -11.12 -14.86 -12.52
CA VAL A 259 -12.05 -13.73 -12.35
C VAL A 259 -11.41 -12.70 -11.42
N VAL A 260 -11.93 -11.46 -11.44
CA VAL A 260 -11.52 -10.40 -10.51
C VAL A 260 -12.76 -9.82 -9.83
N ASP A 261 -12.63 -9.46 -8.56
CA ASP A 261 -13.70 -8.80 -7.83
C ASP A 261 -13.07 -7.60 -7.17
N ILE A 262 -12.94 -6.52 -7.96
CA ILE A 262 -12.35 -5.25 -7.53
C ILE A 262 -13.21 -4.58 -6.46
N LEU A 263 -14.54 -4.65 -6.62
CA LEU A 263 -15.48 -4.11 -5.64
C LEU A 263 -15.29 -4.78 -4.27
N LYS A 264 -15.28 -6.13 -4.21
CA LYS A 264 -15.10 -6.83 -2.93
C LYS A 264 -13.73 -6.52 -2.32
N THR A 265 -12.69 -6.46 -3.18
CA THR A 265 -11.32 -6.15 -2.73
C THR A 265 -11.26 -4.75 -2.13
N THR A 266 -11.85 -3.75 -2.81
CA THR A 266 -11.91 -2.36 -2.34
C THR A 266 -12.58 -2.31 -0.95
N CYS A 267 -13.71 -3.04 -0.78
CA CYS A 267 -14.43 -3.12 0.49
C CYS A 267 -13.59 -3.74 1.60
N GLN A 268 -12.81 -4.81 1.27
CA GLN A 268 -11.93 -5.47 2.25
C GLN A 268 -10.84 -4.47 2.69
N LEU A 269 -10.29 -3.68 1.72
CA LEU A 269 -9.28 -2.64 1.98
C LEU A 269 -9.84 -1.56 2.91
N ARG A 270 -11.08 -1.08 2.65
CA ARG A 270 -11.76 -0.03 3.43
C ARG A 270 -12.03 -0.47 4.86
N GLN A 271 -12.32 -1.78 5.05
CA GLN A 271 -12.55 -2.36 6.38
C GLN A 271 -11.26 -2.28 7.18
N ASP A 272 -10.11 -2.48 6.52
CA ASP A 272 -8.79 -2.46 7.15
C ASP A 272 -8.29 -1.05 7.41
N ARG A 273 -8.51 -0.11 6.47
CA ARG A 273 -8.05 1.27 6.61
C ARG A 273 -9.00 2.16 5.85
N GLY A 274 -9.61 3.09 6.57
CA GLY A 274 -10.58 4.02 6.00
C GLY A 274 -10.05 4.83 4.84
N GLY A 275 -10.82 4.86 3.76
CA GLY A 275 -10.52 5.66 2.56
C GLY A 275 -9.64 5.04 1.49
N MET A 276 -9.25 3.74 1.60
CA MET A 276 -8.40 3.05 0.61
C MET A 276 -9.03 3.16 -0.77
N ILE A 277 -8.28 3.72 -1.74
CA ILE A 277 -8.72 4.08 -3.10
C ILE A 277 -9.62 5.30 -2.90
N GLN A 278 -9.02 6.48 -3.00
CA GLN A 278 -9.70 7.73 -2.69
C GLN A 278 -10.65 8.29 -3.74
N THR A 279 -10.35 8.12 -5.03
CA THR A 279 -11.15 8.74 -6.09
C THR A 279 -11.63 7.71 -7.11
N CYS A 280 -12.65 8.08 -7.91
N CYS A 280 -12.65 8.09 -7.91
CA CYS A 280 -13.16 7.20 -8.95
CA CYS A 280 -13.20 7.26 -8.98
C CYS A 280 -12.11 7.00 -10.06
C CYS A 280 -12.16 7.03 -10.09
N GLU A 281 -11.23 8.00 -10.28
CA GLU A 281 -10.12 7.93 -11.25
C GLU A 281 -9.15 6.85 -10.80
N GLN A 282 -8.88 6.78 -9.50
CA GLN A 282 -8.02 5.76 -8.90
C GLN A 282 -8.67 4.38 -9.02
N TYR A 283 -9.99 4.32 -8.84
CA TYR A 283 -10.80 3.10 -8.95
C TYR A 283 -10.77 2.57 -10.38
N GLN A 284 -10.91 3.48 -11.37
CA GLN A 284 -10.87 3.12 -12.78
C GLN A 284 -9.45 2.67 -13.14
N PHE A 285 -8.42 3.32 -12.57
CA PHE A 285 -7.02 2.98 -12.83
C PHE A 285 -6.73 1.52 -12.48
N VAL A 286 -7.29 1.03 -11.34
CA VAL A 286 -7.13 -0.37 -10.91
C VAL A 286 -7.76 -1.29 -11.99
N HIS A 287 -8.95 -0.90 -12.53
CA HIS A 287 -9.63 -1.65 -13.59
C HIS A 287 -8.76 -1.67 -14.86
N HIS A 288 -8.14 -0.51 -15.23
CA HIS A 288 -7.23 -0.44 -16.39
C HIS A 288 -6.07 -1.41 -16.20
N ALA A 289 -5.44 -1.41 -15.00
CA ALA A 289 -4.33 -2.32 -14.68
C ALA A 289 -4.77 -3.80 -14.74
N MET A 290 -5.99 -4.11 -14.26
CA MET A 290 -6.50 -5.49 -14.28
C MET A 290 -6.86 -5.96 -15.67
N SER A 291 -7.46 -5.06 -16.48
CA SER A 291 -7.80 -5.31 -17.87
C SER A 291 -6.51 -5.62 -18.66
N LEU A 292 -5.42 -4.86 -18.40
CA LEU A 292 -4.13 -5.10 -19.04
C LEU A 292 -3.53 -6.46 -18.65
N TYR A 293 -3.62 -6.81 -17.33
CA TYR A 293 -3.10 -8.09 -16.82
C TYR A 293 -3.82 -9.26 -17.48
N GLU A 294 -5.16 -9.19 -17.65
CA GLU A 294 -5.95 -10.22 -18.33
C GLU A 294 -5.43 -10.40 -19.76
N LYS A 295 -5.11 -9.30 -20.47
CA LYS A 295 -4.58 -9.34 -21.84
C LYS A 295 -3.22 -10.03 -21.88
N GLN A 296 -2.36 -9.71 -20.88
CA GLN A 296 -1.03 -10.33 -20.75
C GLN A 296 -1.18 -11.83 -20.52
N LEU A 297 -2.14 -12.23 -19.65
CA LEU A 297 -2.41 -13.64 -19.39
C LEU A 297 -2.92 -14.36 -20.65
N SER A 298 -3.81 -13.72 -21.42
N SER A 298 -3.81 -13.71 -21.43
CA SER A 298 -4.35 -14.29 -22.67
CA SER A 298 -4.36 -14.27 -22.67
C SER A 298 -3.24 -14.47 -23.71
C SER A 298 -3.26 -14.45 -23.72
N HIS A 299 -2.23 -13.58 -23.70
CA HIS A 299 -1.10 -13.62 -24.63
C HIS A 299 -0.11 -14.75 -24.34
N GLN A 300 -0.23 -15.44 -23.18
CA GLN A 300 0.63 -16.60 -22.85
C GLN A 300 -0.22 -17.87 -22.79
N SER A 301 -1.52 -17.73 -23.03
CA SER A 301 -2.50 -18.80 -22.97
C SER A 301 -2.85 -19.33 -24.36
#